data_7Y8K
#
_entry.id   7Y8K
#
_cell.length_a   48.195
_cell.length_b   63.731
_cell.length_c   162.975
_cell.angle_alpha   90.000
_cell.angle_beta   90.000
_cell.angle_gamma   90.000
#
_symmetry.space_group_name_H-M   'P 2 21 21'
#
loop_
_entity.id
_entity.type
_entity.pdbx_description
1 polymer 'Beta-hydroxyacid dehydrogenase, 3-hydroxyisobutyrate dehydrogenase'
2 water water
#
_entity_poly.entity_id   1
_entity_poly.type   'polypeptide(L)'
_entity_poly.pdbx_seq_one_letter_code
;MSRPAPLTLIGLGPMGQAMGNALLDRGHGLTVWNRTASRADALVERGAVRAPDVAAAVAANELVVLSLTDYDAMYALLGP
AADALAGKVVVNLSSDTPEKTRAGARWIAEHGGTLIAGGVTVPPSGIGSPESSAFYSGPSAAFERHRETLRTLTRTDYRG
EDPGLAALMYQIGMVMFWNAMLGYWQAVALADANGLKAADILPHASDTVASLPGFLRFYADRIDTGHHGGDVDRLAMGTA
SVEHILHTMADSGVDTALPEAVVAFFRRGMAAGYAENSFSSMVELLKKPS
;
_entity_poly.pdbx_strand_id   A,B
#
# COMPACT_ATOMS: atom_id res chain seq x y z
N PRO A 4 -26.43 6.54 30.23
CA PRO A 4 -26.28 6.32 28.79
C PRO A 4 -27.58 5.89 28.14
N ALA A 5 -27.75 6.29 26.86
CA ALA A 5 -29.04 6.09 26.21
C ALA A 5 -29.18 4.65 25.73
N PRO A 6 -30.41 4.13 25.71
CA PRO A 6 -30.62 2.80 25.12
C PRO A 6 -30.65 2.88 23.60
N LEU A 7 -30.42 1.71 22.98
CA LEU A 7 -30.47 1.66 21.53
C LEU A 7 -30.63 0.20 21.09
N THR A 8 -30.97 0.03 19.83
CA THR A 8 -31.04 -1.28 19.19
C THR A 8 -29.83 -1.41 18.29
N LEU A 9 -29.22 -2.60 18.26
CA LEU A 9 -28.14 -2.88 17.31
C LEU A 9 -28.49 -4.12 16.50
N ILE A 10 -28.35 -4.03 15.19
CA ILE A 10 -28.65 -5.16 14.29
C ILE A 10 -27.42 -5.42 13.41
N GLY A 11 -26.86 -6.62 13.51
CA GLY A 11 -25.63 -6.97 12.78
C GLY A 11 -24.53 -7.32 13.74
N LEU A 12 -24.13 -8.60 13.79
CA LEU A 12 -23.17 -9.07 14.84
C LEU A 12 -21.98 -9.82 14.27
N GLY A 13 -21.35 -9.32 13.21
CA GLY A 13 -20.07 -9.92 12.79
C GLY A 13 -18.99 -9.34 13.69
N PRO A 14 -17.68 -9.55 13.43
CA PRO A 14 -16.65 -9.06 14.33
C PRO A 14 -16.86 -7.60 14.78
N MET A 15 -17.11 -6.69 13.84
CA MET A 15 -17.36 -5.27 14.16
C MET A 15 -18.59 -5.12 15.05
N GLY A 16 -19.71 -5.73 14.70
CA GLY A 16 -20.91 -5.46 15.49
C GLY A 16 -20.91 -6.09 16.87
N GLN A 17 -20.21 -7.22 17.05
CA GLN A 17 -20.01 -7.75 18.39
C GLN A 17 -19.17 -6.81 19.23
N ALA A 18 -18.12 -6.24 18.64
CA ALA A 18 -17.30 -5.27 19.37
C ALA A 18 -18.10 -4.01 19.71
N MET A 19 -18.96 -3.55 18.80
CA MET A 19 -19.81 -2.40 19.11
C MET A 19 -20.77 -2.74 20.25
N GLY A 20 -21.39 -3.89 20.19
CA GLY A 20 -22.32 -4.34 21.25
C GLY A 20 -21.66 -4.46 22.61
N ASN A 21 -20.47 -5.03 22.66
CA ASN A 21 -19.73 -5.18 23.94
C ASN A 21 -19.32 -3.80 24.46
N ALA A 22 -18.93 -2.90 23.57
CA ALA A 22 -18.58 -1.52 23.96
C ALA A 22 -19.79 -0.79 24.53
N LEU A 23 -20.94 -0.93 23.88
CA LEU A 23 -22.16 -0.24 24.33
C LEU A 23 -22.55 -0.75 25.72
N LEU A 24 -22.56 -2.07 25.92
CA LEU A 24 -22.84 -2.66 27.25
C LEU A 24 -21.80 -2.16 28.28
N ASP A 25 -20.55 -1.98 27.86
CA ASP A 25 -19.46 -1.60 28.80
C ASP A 25 -19.66 -0.19 29.36
N ARG A 26 -20.30 0.72 28.60
CA ARG A 26 -20.49 2.12 29.05
C ARG A 26 -21.79 2.27 29.85
N GLY A 27 -22.71 1.32 29.72
CA GLY A 27 -23.95 1.36 30.51
C GLY A 27 -25.19 1.43 29.64
N HIS A 28 -25.05 1.14 28.35
CA HIS A 28 -26.20 1.30 27.42
C HIS A 28 -27.11 0.09 27.46
N GLY A 29 -28.40 0.33 27.70
CA GLY A 29 -29.39 -0.75 27.58
C GLY A 29 -29.44 -1.16 26.12
N LEU A 30 -29.02 -2.37 25.81
CA LEU A 30 -28.88 -2.76 24.40
C LEU A 30 -29.87 -3.83 23.99
N THR A 31 -30.63 -3.56 22.92
CA THR A 31 -31.54 -4.56 22.32
C THR A 31 -30.84 -5.01 21.04
N VAL A 32 -30.66 -6.31 20.86
CA VAL A 32 -30.03 -6.84 19.66
C VAL A 32 -31.03 -7.71 18.92
N TRP A 33 -30.72 -7.92 17.65
CA TRP A 33 -31.49 -8.85 16.79
C TRP A 33 -30.56 -9.34 15.70
N ASN A 34 -30.55 -10.63 15.44
CA ASN A 34 -29.74 -11.19 14.33
C ASN A 34 -30.43 -12.41 13.75
N ARG A 35 -30.36 -12.55 12.44
CA ARG A 35 -30.90 -13.75 11.77
C ARG A 35 -30.34 -14.99 12.48
N THR A 36 -29.02 -15.10 12.59
CA THR A 36 -28.41 -16.23 13.34
C THR A 36 -28.48 -15.88 14.82
N ALA A 37 -29.49 -16.41 15.52
CA ALA A 37 -29.71 -16.02 16.93
C ALA A 37 -28.53 -16.41 17.81
N SER A 38 -27.81 -17.48 17.46
CA SER A 38 -26.61 -17.92 18.20
C SER A 38 -25.65 -16.73 18.36
N ARG A 39 -25.53 -15.88 17.35
CA ARG A 39 -24.52 -14.79 17.36
C ARG A 39 -24.82 -13.71 18.42
N ALA A 40 -26.01 -13.73 19.02
CA ALA A 40 -26.38 -12.73 20.03
C ALA A 40 -26.36 -13.33 21.44
N ASP A 41 -26.22 -14.65 21.56
CA ASP A 41 -26.26 -15.34 22.88
C ASP A 41 -25.32 -14.70 23.91
N ALA A 42 -24.06 -14.53 23.56
CA ALA A 42 -23.06 -13.95 24.48
C ALA A 42 -23.44 -12.54 24.91
N LEU A 43 -23.88 -11.72 23.97
CA LEU A 43 -24.32 -10.34 24.28
C LEU A 43 -25.51 -10.41 25.24
N VAL A 44 -26.45 -11.31 25.01
CA VAL A 44 -27.64 -11.50 25.89
C VAL A 44 -27.18 -11.83 27.32
N GLU A 45 -26.20 -12.73 27.47
CA GLU A 45 -25.66 -13.09 28.81
C GLU A 45 -24.89 -11.91 29.37
N ARG A 46 -24.30 -11.09 28.51
CA ARG A 46 -23.62 -9.85 28.98
C ARG A 46 -24.67 -8.79 29.33
N GLY A 47 -25.96 -9.06 29.11
CA GLY A 47 -27.04 -8.13 29.51
C GLY A 47 -27.94 -7.65 28.36
N ALA A 48 -27.65 -8.02 27.12
CA ALA A 48 -28.44 -7.51 25.98
C ALA A 48 -29.84 -8.10 25.96
N VAL A 49 -30.84 -7.29 25.58
CA VAL A 49 -32.23 -7.79 25.44
C VAL A 49 -32.40 -8.36 24.04
N ARG A 50 -32.54 -9.68 23.94
CA ARG A 50 -32.81 -10.29 22.62
C ARG A 50 -34.22 -9.88 22.21
N ALA A 51 -34.32 -9.29 21.03
CA ALA A 51 -35.62 -8.85 20.51
C ALA A 51 -36.35 -10.01 19.87
N PRO A 52 -37.69 -10.12 20.06
CA PRO A 52 -38.47 -11.19 19.46
C PRO A 52 -38.24 -11.26 17.94
N ASP A 53 -38.51 -10.16 17.24
CA ASP A 53 -38.32 -10.09 15.77
C ASP A 53 -37.71 -8.73 15.39
N VAL A 54 -37.48 -8.49 14.10
CA VAL A 54 -36.86 -7.23 13.61
C VAL A 54 -37.82 -6.05 13.85
N ALA A 55 -39.11 -6.24 13.68
CA ALA A 55 -40.09 -5.17 13.98
C ALA A 55 -40.02 -4.78 15.46
N ALA A 56 -40.00 -5.76 16.35
CA ALA A 56 -39.83 -5.50 17.80
C ALA A 56 -38.50 -4.78 18.06
N ALA A 57 -37.41 -5.21 17.44
CA ALA A 57 -36.08 -4.59 17.61
C ALA A 57 -36.10 -3.13 17.19
N VAL A 58 -36.72 -2.83 16.06
CA VAL A 58 -36.83 -1.43 15.57
C VAL A 58 -37.66 -0.62 16.56
N ALA A 59 -38.75 -1.19 17.07
CA ALA A 59 -39.70 -0.46 17.95
C ALA A 59 -39.12 -0.16 19.33
N ALA A 60 -38.22 -1.00 19.83
CA ALA A 60 -37.69 -0.87 21.21
C ALA A 60 -37.06 0.49 21.48
N ASN A 61 -36.32 1.03 20.51
CA ASN A 61 -35.59 2.30 20.76
C ASN A 61 -35.69 3.27 19.59
N GLU A 62 -35.47 4.54 19.86
CA GLU A 62 -35.46 5.58 18.80
C GLU A 62 -34.18 5.46 17.97
N LEU A 63 -33.10 4.98 18.57
CA LEU A 63 -31.83 4.92 17.86
C LEU A 63 -31.55 3.48 17.49
N VAL A 64 -31.42 3.22 16.18
CA VAL A 64 -31.08 1.90 15.66
C VAL A 64 -29.72 2.02 14.98
N VAL A 65 -28.76 1.23 15.44
CA VAL A 65 -27.45 1.15 14.80
C VAL A 65 -27.39 -0.13 13.98
N LEU A 66 -26.95 0.01 12.72
CA LEU A 66 -26.88 -1.12 11.79
C LEU A 66 -25.43 -1.39 11.41
N SER A 67 -25.09 -2.68 11.33
CA SER A 67 -23.73 -3.11 10.98
C SER A 67 -23.88 -4.37 10.12
N LEU A 68 -24.02 -4.18 8.80
CA LEU A 68 -24.30 -5.26 7.85
C LEU A 68 -23.32 -5.21 6.69
N THR A 69 -23.53 -6.11 5.72
CA THR A 69 -22.58 -6.24 4.63
C THR A 69 -22.65 -5.07 3.67
N ASP A 70 -23.86 -4.55 3.44
CA ASP A 70 -24.07 -3.45 2.52
C ASP A 70 -25.46 -2.86 2.78
N TYR A 71 -25.82 -1.84 2.01
CA TYR A 71 -27.14 -1.22 2.19
C TYR A 71 -28.26 -2.10 1.65
N ASP A 72 -27.99 -2.97 0.67
CA ASP A 72 -29.01 -3.94 0.28
C ASP A 72 -29.42 -4.82 1.47
N ALA A 73 -28.52 -5.04 2.44
CA ALA A 73 -28.91 -5.84 3.61
C ALA A 73 -29.83 -5.07 4.54
N MET A 74 -29.81 -3.73 4.49
CA MET A 74 -30.78 -2.92 5.24
C MET A 74 -32.18 -3.02 4.63
N TYR A 75 -32.27 -3.11 3.30
CA TYR A 75 -33.57 -3.27 2.65
C TYR A 75 -34.17 -4.65 2.94
N ALA A 76 -33.32 -5.68 2.96
CA ALA A 76 -33.78 -7.03 3.27
C ALA A 76 -34.35 -7.13 4.68
N LEU A 77 -33.63 -6.60 5.69
CA LEU A 77 -34.09 -6.81 7.06
C LEU A 77 -35.16 -5.82 7.49
N LEU A 78 -35.06 -4.56 7.08
CA LEU A 78 -35.98 -3.57 7.60
C LEU A 78 -37.26 -3.46 6.77
N GLY A 79 -37.24 -3.95 5.54
CA GLY A 79 -38.36 -3.85 4.63
C GLY A 79 -39.66 -4.39 5.20
N PRO A 80 -39.64 -5.63 5.74
CA PRO A 80 -40.85 -6.18 6.37
C PRO A 80 -41.15 -5.56 7.73
N ALA A 81 -40.44 -4.50 8.10
CA ALA A 81 -40.77 -3.74 9.30
C ALA A 81 -40.78 -2.25 9.00
N ALA A 82 -41.06 -1.90 7.73
CA ALA A 82 -40.79 -0.55 7.24
C ALA A 82 -41.65 0.51 7.90
N ASP A 83 -42.89 0.16 8.27
CA ASP A 83 -43.75 1.10 8.97
C ASP A 83 -43.27 1.35 10.38
N ALA A 84 -42.58 0.38 10.99
CA ALA A 84 -42.01 0.59 12.32
C ALA A 84 -40.93 1.66 12.35
N LEU A 85 -40.55 2.22 11.19
CA LEU A 85 -39.41 3.12 11.09
C LEU A 85 -39.80 4.58 11.29
N ALA A 86 -41.09 4.90 11.36
CA ALA A 86 -41.49 6.27 11.58
C ALA A 86 -40.92 6.74 12.91
N GLY A 87 -40.27 7.91 12.89
CA GLY A 87 -39.71 8.50 14.09
C GLY A 87 -38.38 7.93 14.55
N LYS A 88 -37.81 6.97 13.82
CA LYS A 88 -36.59 6.29 14.21
C LYS A 88 -35.39 6.95 13.55
N VAL A 89 -34.23 6.82 14.20
CA VAL A 89 -32.97 7.32 13.67
C VAL A 89 -32.11 6.10 13.39
N VAL A 90 -31.81 5.88 12.12
CA VAL A 90 -31.06 4.71 11.66
C VAL A 90 -29.63 5.17 11.39
N VAL A 91 -28.70 4.83 12.27
CA VAL A 91 -27.30 5.09 12.01
C VAL A 91 -26.72 3.85 11.36
N ASN A 92 -26.46 3.94 10.06
CA ASN A 92 -26.01 2.80 9.26
C ASN A 92 -24.50 2.87 9.07
N LEU A 93 -23.79 1.88 9.60
CA LEU A 93 -22.34 1.86 9.60
C LEU A 93 -21.80 0.89 8.58
N SER A 94 -22.69 0.29 7.79
CA SER A 94 -22.29 -0.63 6.74
C SER A 94 -21.59 0.12 5.62
N SER A 95 -20.53 -0.49 5.09
CA SER A 95 -19.87 0.02 3.89
C SER A 95 -20.81 -0.08 2.70
N ASP A 96 -20.76 0.92 1.82
CA ASP A 96 -21.41 0.90 0.51
C ASP A 96 -20.97 2.15 -0.26
N THR A 97 -21.35 2.22 -1.53
CA THR A 97 -21.02 3.42 -2.31
C THR A 97 -21.78 4.63 -1.79
N PRO A 98 -21.26 5.84 -2.07
CA PRO A 98 -22.00 7.05 -1.71
C PRO A 98 -23.37 7.12 -2.36
N GLU A 99 -23.51 6.63 -3.59
CA GLU A 99 -24.81 6.69 -4.25
C GLU A 99 -25.81 5.74 -3.60
N LYS A 100 -25.38 4.52 -3.27
CA LYS A 100 -26.30 3.59 -2.58
C LYS A 100 -26.66 4.10 -1.18
N THR A 101 -25.71 4.75 -0.50
CA THR A 101 -25.98 5.34 0.80
C THR A 101 -27.00 6.47 0.71
N ARG A 102 -26.91 7.27 -0.36
CA ARG A 102 -27.86 8.36 -0.59
C ARG A 102 -29.26 7.82 -0.88
N ALA A 103 -29.33 6.70 -1.62
CA ALA A 103 -30.62 6.07 -1.88
C ALA A 103 -31.20 5.44 -0.62
N GLY A 104 -30.38 4.70 0.14
CA GLY A 104 -30.81 4.21 1.43
C GLY A 104 -31.35 5.31 2.31
N ALA A 105 -30.67 6.48 2.31
CA ALA A 105 -31.12 7.65 3.07
C ALA A 105 -32.49 8.16 2.59
N ARG A 106 -32.71 8.19 1.28
CA ARG A 106 -34.03 8.56 0.77
C ARG A 106 -35.06 7.50 1.14
N TRP A 107 -34.69 6.23 1.01
CA TRP A 107 -35.61 5.14 1.37
C TRP A 107 -35.99 5.18 2.84
N ILE A 108 -35.04 5.49 3.73
CA ILE A 108 -35.36 5.60 5.15
C ILE A 108 -36.30 6.79 5.39
N ALA A 109 -36.06 7.91 4.71
CA ALA A 109 -36.96 9.06 4.87
C ALA A 109 -38.35 8.77 4.35
N GLU A 110 -38.46 7.91 3.32
CA GLU A 110 -39.72 7.34 2.86
C GLU A 110 -40.62 6.83 3.98
N HIS A 111 -40.04 6.10 4.93
CA HIS A 111 -40.79 5.45 5.98
C HIS A 111 -40.76 6.27 7.27
N GLY A 112 -40.48 7.57 7.14
CA GLY A 112 -40.53 8.50 8.25
C GLY A 112 -39.35 8.44 9.20
N GLY A 113 -38.31 7.69 8.87
CA GLY A 113 -37.10 7.65 9.66
C GLY A 113 -36.09 8.69 9.21
N THR A 114 -34.91 8.61 9.80
CA THR A 114 -33.80 9.49 9.46
C THR A 114 -32.52 8.68 9.50
N LEU A 115 -31.80 8.64 8.39
CA LEU A 115 -30.56 7.87 8.30
C LEU A 115 -29.35 8.79 8.49
N ILE A 116 -28.46 8.38 9.38
CA ILE A 116 -27.11 8.94 9.50
C ILE A 116 -26.15 7.89 8.96
N ALA A 117 -25.35 8.26 7.97
CA ALA A 117 -24.36 7.35 7.41
C ALA A 117 -23.09 7.41 8.25
N GLY A 118 -22.52 6.25 8.53
CA GLY A 118 -21.25 6.17 9.22
C GLY A 118 -20.27 5.23 8.55
N GLY A 119 -19.00 5.63 8.55
CA GLY A 119 -17.89 4.80 8.12
C GLY A 119 -16.85 4.73 9.23
N VAL A 120 -16.76 3.58 9.88
CA VAL A 120 -15.89 3.39 11.03
C VAL A 120 -14.50 3.05 10.53
N THR A 121 -13.52 3.90 10.84
CA THR A 121 -12.18 3.77 10.27
C THR A 121 -11.21 3.02 11.18
N VAL A 122 -11.69 2.09 11.98
CA VAL A 122 -10.78 1.26 12.76
C VAL A 122 -11.27 -0.18 12.75
N PRO A 123 -10.35 -1.13 12.93
CA PRO A 123 -10.79 -2.53 13.06
C PRO A 123 -11.63 -2.72 14.31
N PRO A 124 -12.30 -3.87 14.47
CA PRO A 124 -13.18 -4.05 15.65
C PRO A 124 -12.45 -3.85 16.98
N SER A 125 -11.18 -4.25 17.06
CA SER A 125 -10.42 -4.02 18.29
C SER A 125 -10.31 -2.54 18.63
N GLY A 126 -10.52 -1.66 17.64
CA GLY A 126 -10.47 -0.23 17.87
C GLY A 126 -11.75 0.37 18.39
N ILE A 127 -12.86 -0.34 18.26
CA ILE A 127 -14.12 0.12 18.85
C ILE A 127 -13.93 0.39 20.33
N GLY A 128 -14.23 1.61 20.75
CA GLY A 128 -14.14 1.98 22.15
C GLY A 128 -12.81 2.53 22.60
N SER A 129 -11.95 2.92 21.68
CA SER A 129 -10.59 3.31 22.00
C SER A 129 -10.33 4.73 21.51
N PRO A 130 -9.45 5.47 22.19
CA PRO A 130 -9.25 6.89 21.82
C PRO A 130 -8.86 7.06 20.37
N GLU A 131 -8.15 6.06 19.81
CA GLU A 131 -7.75 6.11 18.41
C GLU A 131 -8.93 5.95 17.47
N SER A 132 -9.98 5.29 17.94
CA SER A 132 -11.12 4.98 17.07
C SER A 132 -11.73 6.26 16.51
N SER A 133 -12.15 6.17 15.25
CA SER A 133 -12.85 7.27 14.61
C SER A 133 -13.86 6.71 13.63
N ALA A 134 -14.71 7.59 13.14
CA ALA A 134 -15.71 7.25 12.15
C ALA A 134 -16.22 8.54 11.52
N PHE A 135 -16.35 8.53 10.19
CA PHE A 135 -16.99 9.61 9.48
C PHE A 135 -18.50 9.49 9.68
N TYR A 136 -19.17 10.64 9.79
CA TYR A 136 -20.62 10.66 9.90
C TYR A 136 -21.16 11.75 9.00
N SER A 137 -22.30 11.49 8.37
CA SER A 137 -22.96 12.49 7.54
C SER A 137 -24.43 12.11 7.41
N GLY A 138 -25.21 13.08 6.96
CA GLY A 138 -26.65 13.05 7.10
C GLY A 138 -27.12 14.25 7.91
N PRO A 139 -28.42 14.32 8.19
CA PRO A 139 -28.98 15.48 8.90
C PRO A 139 -28.30 15.77 10.23
N SER A 140 -27.84 17.01 10.39
CA SER A 140 -27.00 17.38 11.53
C SER A 140 -27.73 17.24 12.84
N ALA A 141 -28.98 17.72 12.93
CA ALA A 141 -29.72 17.64 14.19
C ALA A 141 -29.89 16.20 14.62
N ALA A 142 -30.19 15.31 13.67
CA ALA A 142 -30.30 13.88 13.98
C ALA A 142 -28.99 13.32 14.50
N PHE A 143 -27.86 13.82 14.01
CA PHE A 143 -26.55 13.36 14.46
C PHE A 143 -26.19 13.95 15.82
N GLU A 144 -26.38 15.26 15.98
CA GLU A 144 -26.07 15.86 17.26
C GLU A 144 -26.89 15.22 18.37
N ARG A 145 -28.15 14.87 18.08
CA ARG A 145 -29.00 14.27 19.10
C ARG A 145 -28.40 12.99 19.67
N HIS A 146 -27.83 12.14 18.81
CA HIS A 146 -27.32 10.84 19.24
C HIS A 146 -25.79 10.77 19.20
N ARG A 147 -25.10 11.90 19.07
CA ARG A 147 -23.65 11.91 19.01
C ARG A 147 -23.03 11.26 20.24
N GLU A 148 -23.51 11.62 21.44
CA GLU A 148 -22.93 11.10 22.67
C GLU A 148 -23.00 9.58 22.72
N THR A 149 -24.08 8.99 22.21
CA THR A 149 -24.09 7.53 22.05
C THR A 149 -22.99 7.10 21.10
N LEU A 150 -22.85 7.79 19.98
CA LEU A 150 -21.87 7.39 18.98
C LEU A 150 -20.44 7.49 19.52
N ARG A 151 -20.17 8.48 20.37
CA ARG A 151 -18.84 8.63 20.96
C ARG A 151 -18.46 7.45 21.84
N THR A 152 -19.43 6.65 22.27
CA THR A 152 -19.11 5.41 22.96
C THR A 152 -18.36 4.46 22.03
N LEU A 153 -18.69 4.45 20.74
CA LEU A 153 -18.03 3.54 19.81
C LEU A 153 -16.72 4.12 19.30
N THR A 154 -16.75 5.33 18.73
CA THR A 154 -15.57 6.01 18.20
C THR A 154 -15.68 7.52 18.42
N ARG A 155 -14.55 8.21 18.34
CA ARG A 155 -14.58 9.66 18.14
C ARG A 155 -15.35 9.98 16.85
N THR A 156 -16.15 11.05 16.87
CA THR A 156 -16.99 11.40 15.74
C THR A 156 -16.33 12.45 14.87
N ASP A 157 -16.53 12.33 13.55
CA ASP A 157 -15.97 13.24 12.54
C ASP A 157 -17.12 13.50 11.56
N TYR A 158 -17.97 14.47 11.93
CA TYR A 158 -19.15 14.83 11.09
C TYR A 158 -18.66 15.52 9.82
N ARG A 159 -19.02 14.97 8.69
CA ARG A 159 -18.49 15.51 7.42
C ARG A 159 -19.46 16.51 6.80
N GLY A 160 -20.73 16.43 7.18
CA GLY A 160 -21.74 17.32 6.57
C GLY A 160 -23.11 16.71 6.32
N GLU A 161 -23.99 17.44 5.62
CA GLU A 161 -25.40 17.00 5.42
C GLU A 161 -25.54 15.88 4.39
N ASP A 162 -24.63 15.80 3.43
CA ASP A 162 -24.71 14.78 2.36
C ASP A 162 -24.49 13.40 2.96
N PRO A 163 -25.50 12.49 2.93
CA PRO A 163 -25.35 11.14 3.46
C PRO A 163 -24.19 10.36 2.78
N GLY A 164 -23.81 10.75 1.56
CA GLY A 164 -22.72 10.07 0.85
C GLY A 164 -21.32 10.45 1.31
N LEU A 165 -21.13 11.59 1.97
CA LEU A 165 -19.79 12.06 2.38
C LEU A 165 -19.08 11.06 3.28
N ALA A 166 -19.77 10.55 4.31
CA ALA A 166 -19.16 9.54 5.17
C ALA A 166 -18.76 8.31 4.35
N ALA A 167 -19.62 7.91 3.41
CA ALA A 167 -19.32 6.77 2.56
C ALA A 167 -18.14 7.07 1.65
N LEU A 168 -18.12 8.25 1.02
CA LEU A 168 -17.02 8.58 0.11
C LEU A 168 -15.69 8.53 0.84
N MET A 169 -15.61 9.17 2.02
CA MET A 169 -14.35 9.21 2.77
C MET A 169 -13.96 7.85 3.31
N TYR A 170 -14.93 7.04 3.77
CA TYR A 170 -14.62 5.66 4.14
C TYR A 170 -14.06 4.85 2.97
N GLN A 171 -14.62 5.00 1.77
CA GLN A 171 -14.07 4.23 0.64
C GLN A 171 -12.67 4.72 0.27
N ILE A 172 -12.50 6.05 0.24
CA ILE A 172 -11.19 6.65 -0.04
C ILE A 172 -10.11 6.08 0.88
N GLY A 173 -10.42 5.89 2.16
CA GLY A 173 -9.45 5.29 3.05
C GLY A 173 -9.24 3.81 2.79
N MET A 174 -10.32 3.10 2.44
CA MET A 174 -10.27 1.66 2.28
C MET A 174 -9.43 1.28 1.07
N VAL A 175 -9.54 2.05 -0.01
CA VAL A 175 -8.76 1.68 -1.19
C VAL A 175 -7.26 1.87 -0.94
N MET A 176 -6.87 2.80 -0.08
CA MET A 176 -5.48 2.84 0.35
C MET A 176 -5.13 1.62 1.21
N PHE A 177 -6.02 1.26 2.12
CA PHE A 177 -5.71 0.13 3.00
C PHE A 177 -5.51 -1.14 2.21
N TRP A 178 -6.53 -1.53 1.43
CA TRP A 178 -6.49 -2.79 0.72
C TRP A 178 -5.27 -2.88 -0.18
N ASN A 179 -4.98 -1.81 -0.91
CA ASN A 179 -3.86 -1.81 -1.88
C ASN A 179 -2.53 -2.00 -1.15
N ALA A 180 -2.32 -1.26 -0.07
CA ALA A 180 -1.10 -1.41 0.74
C ALA A 180 -0.96 -2.84 1.27
N MET A 181 -2.05 -3.40 1.80
CA MET A 181 -2.03 -4.77 2.36
C MET A 181 -1.80 -5.80 1.27
N LEU A 182 -2.30 -5.54 0.08
CA LEU A 182 -2.10 -6.46 -1.06
C LEU A 182 -0.62 -6.42 -1.45
N GLY A 183 0.01 -5.24 -1.43
CA GLY A 183 1.46 -5.19 -1.67
C GLY A 183 2.19 -6.03 -0.64
N TYR A 184 1.81 -5.95 0.62
CA TYR A 184 2.42 -6.74 1.73
C TYR A 184 2.19 -8.25 1.50
N TRP A 185 0.96 -8.64 1.14
CA TRP A 185 0.65 -10.06 0.83
C TRP A 185 1.62 -10.56 -0.25
N GLN A 186 1.85 -9.76 -1.27
CA GLN A 186 2.72 -10.14 -2.40
C GLN A 186 4.15 -10.30 -1.88
N ALA A 187 4.59 -9.38 -1.05
CA ALA A 187 5.95 -9.42 -0.47
C ALA A 187 6.10 -10.68 0.40
N VAL A 188 5.08 -11.02 1.16
CA VAL A 188 5.12 -12.22 2.06
C VAL A 188 5.18 -13.49 1.20
N ALA A 189 4.41 -13.54 0.13
CA ALA A 189 4.45 -14.66 -0.82
C ALA A 189 5.85 -14.78 -1.44
N LEU A 190 6.41 -13.69 -1.94
CA LEU A 190 7.77 -13.67 -2.53
C LEU A 190 8.80 -14.11 -1.50
N ALA A 191 8.68 -13.63 -0.27
CA ALA A 191 9.60 -14.02 0.81
C ALA A 191 9.48 -15.51 1.10
N ASP A 192 8.24 -16.00 1.26
CA ASP A 192 7.98 -17.44 1.53
C ASP A 192 8.60 -18.24 0.41
N ALA A 193 8.37 -17.80 -0.82
CA ALA A 193 8.88 -18.53 -1.98
C ALA A 193 10.39 -18.66 -1.93
N ASN A 194 11.06 -17.73 -1.25
CA ASN A 194 12.50 -17.75 -1.19
C ASN A 194 13.00 -18.06 0.21
N GLY A 195 12.19 -18.75 1.02
CA GLY A 195 12.66 -19.25 2.30
C GLY A 195 12.70 -18.24 3.43
N LEU A 196 11.89 -17.18 3.34
CA LEU A 196 11.83 -16.14 4.36
C LEU A 196 10.42 -16.07 4.92
N LYS A 197 10.31 -15.99 6.23
CA LYS A 197 9.00 -15.79 6.85
C LYS A 197 8.61 -14.32 6.75
N ALA A 198 7.34 -14.05 7.04
CA ALA A 198 6.92 -12.65 7.17
C ALA A 198 7.79 -11.95 8.20
N ALA A 199 8.15 -12.66 9.28
CA ALA A 199 8.96 -12.07 10.33
C ALA A 199 10.31 -11.58 9.80
N ASP A 200 10.85 -12.24 8.77
CA ASP A 200 12.15 -11.84 8.26
C ASP A 200 12.08 -10.55 7.44
N ILE A 201 10.99 -10.33 6.70
CA ILE A 201 10.86 -9.11 5.92
C ILE A 201 10.13 -8.01 6.68
N LEU A 202 9.62 -8.31 7.87
CA LEU A 202 8.86 -7.31 8.61
C LEU A 202 9.65 -6.02 8.87
N PRO A 203 10.95 -6.04 9.17
CA PRO A 203 11.67 -4.76 9.35
C PRO A 203 11.71 -3.87 8.11
N HIS A 204 12.03 -4.43 6.95
CA HIS A 204 12.01 -3.64 5.72
C HIS A 204 10.58 -3.21 5.38
N ALA A 205 9.62 -4.13 5.51
CA ALA A 205 8.23 -3.83 5.22
C ALA A 205 7.71 -2.67 6.07
N SER A 206 8.01 -2.70 7.37
CA SER A 206 7.62 -1.61 8.26
C SER A 206 8.33 -0.31 7.89
N ASP A 207 9.63 -0.38 7.62
CA ASP A 207 10.38 0.78 7.12
C ASP A 207 9.69 1.39 5.91
N THR A 208 9.35 0.56 4.93
CA THR A 208 8.71 1.02 3.71
C THR A 208 7.39 1.71 4.01
N VAL A 209 6.53 1.09 4.82
CA VAL A 209 5.25 1.74 5.05
C VAL A 209 5.43 2.98 5.91
N ALA A 210 6.46 3.03 6.74
CA ALA A 210 6.66 4.18 7.61
C ALA A 210 7.14 5.42 6.84
N SER A 211 7.68 5.23 5.63
CA SER A 211 8.09 6.36 4.80
C SER A 211 6.94 6.94 4.00
N LEU A 212 5.79 6.27 3.98
CA LEU A 212 4.70 6.70 3.11
C LEU A 212 4.14 8.09 3.43
N PRO A 213 3.93 8.49 4.70
CA PRO A 213 3.40 9.85 4.93
C PRO A 213 4.18 10.94 4.23
N GLY A 214 5.52 10.89 4.25
CA GLY A 214 6.30 11.91 3.55
C GLY A 214 6.03 11.90 2.06
N PHE A 215 5.84 10.70 1.49
CA PHE A 215 5.52 10.57 0.08
C PHE A 215 4.11 11.07 -0.22
N LEU A 216 3.16 10.76 0.67
CA LEU A 216 1.81 11.31 0.58
C LEU A 216 1.83 12.83 0.51
N ARG A 217 2.58 13.46 1.40
CA ARG A 217 2.60 14.94 1.50
C ARG A 217 3.27 15.54 0.26
N PHE A 218 4.37 14.96 -0.16
CA PHE A 218 5.10 15.45 -1.36
C PHE A 218 4.19 15.46 -2.59
N TYR A 219 3.54 14.33 -2.85
CA TYR A 219 2.75 14.19 -4.09
C TYR A 219 1.41 14.90 -3.95
N ALA A 220 0.97 15.19 -2.74
CA ALA A 220 -0.29 15.94 -2.54
C ALA A 220 -0.16 17.37 -3.11
N ASP A 221 0.90 18.07 -2.71
CA ASP A 221 1.08 19.49 -3.16
C ASP A 221 1.31 19.50 -4.66
N ARG A 222 2.11 18.57 -5.15
CA ARG A 222 2.42 18.48 -6.60
C ARG A 222 1.14 18.19 -7.38
N ILE A 223 0.40 17.14 -7.02
CA ILE A 223 -0.82 16.77 -7.80
C ILE A 223 -1.80 17.94 -7.80
N ASP A 224 -2.00 18.58 -6.65
CA ASP A 224 -2.98 19.68 -6.54
C ASP A 224 -2.58 20.88 -7.41
N THR A 225 -1.28 21.09 -7.62
CA THR A 225 -0.76 22.19 -8.47
C THR A 225 -0.60 21.71 -9.94
N GLY A 226 -0.87 20.44 -10.23
CA GLY A 226 -0.69 19.88 -11.59
C GLY A 226 0.77 19.61 -11.93
N HIS A 227 1.64 19.56 -10.92
CA HIS A 227 3.08 19.29 -11.13
C HIS A 227 3.32 17.78 -11.23
N HIS A 228 3.37 17.27 -12.45
CA HIS A 228 3.76 15.85 -12.66
C HIS A 228 5.14 15.84 -13.37
N GLY A 229 6.02 16.81 -13.08
CA GLY A 229 7.31 16.85 -13.72
C GLY A 229 8.22 15.75 -13.22
N GLY A 230 9.20 15.37 -14.06
CA GLY A 230 10.05 14.23 -13.77
C GLY A 230 11.33 14.51 -13.01
N ASP A 231 11.31 15.46 -12.08
CA ASP A 231 12.57 15.88 -11.47
C ASP A 231 13.05 14.94 -10.37
N VAL A 232 12.15 14.16 -9.77
CA VAL A 232 12.59 13.20 -8.76
C VAL A 232 12.35 11.76 -9.17
N ASP A 233 11.46 11.49 -10.13
CA ASP A 233 11.18 10.15 -10.59
C ASP A 233 10.64 10.22 -12.01
N ARG A 234 10.80 9.12 -12.75
CA ARG A 234 10.34 9.04 -14.11
C ARG A 234 9.49 7.78 -14.29
N LEU A 235 8.26 7.95 -14.77
CA LEU A 235 7.40 6.83 -15.15
C LEU A 235 8.15 5.72 -15.86
N ALA A 236 9.04 6.08 -16.79
CA ALA A 236 9.85 5.08 -17.48
C ALA A 236 10.59 4.18 -16.49
N MET A 237 11.11 4.76 -15.41
CA MET A 237 11.78 3.97 -14.38
C MET A 237 10.76 3.23 -13.52
N GLY A 238 9.63 3.86 -13.23
CA GLY A 238 8.60 3.16 -12.49
C GLY A 238 8.10 1.93 -13.22
N THR A 239 7.87 2.06 -14.54
CA THR A 239 7.44 0.93 -15.34
C THR A 239 8.48 -0.19 -15.33
N ALA A 240 9.75 0.16 -15.50
CA ALA A 240 10.81 -0.84 -15.40
C ALA A 240 10.73 -1.56 -14.07
N SER A 241 10.43 -0.82 -13.00
CA SER A 241 10.44 -1.39 -11.67
C SER A 241 9.27 -2.34 -11.45
N VAL A 242 8.07 -1.96 -11.91
CA VAL A 242 6.94 -2.86 -11.73
C VAL A 242 7.05 -4.06 -12.66
N GLU A 243 7.80 -3.95 -13.75
CA GLU A 243 8.07 -5.11 -14.59
C GLU A 243 9.02 -6.08 -13.89
N HIS A 244 10.08 -5.55 -13.26
CA HIS A 244 11.00 -6.40 -12.50
C HIS A 244 10.31 -7.10 -11.34
N ILE A 245 9.31 -6.46 -10.72
CA ILE A 245 8.57 -7.11 -9.66
C ILE A 245 7.71 -8.25 -10.21
N LEU A 246 7.02 -7.97 -11.32
CA LEU A 246 6.24 -8.99 -12.00
C LEU A 246 7.09 -10.20 -12.33
N HIS A 247 8.29 -9.97 -12.89
CA HIS A 247 9.07 -11.12 -13.33
C HIS A 247 9.79 -11.79 -12.17
N THR A 248 10.16 -11.02 -11.14
CA THR A 248 10.64 -11.59 -9.88
C THR A 248 9.62 -12.55 -9.29
N MET A 249 8.36 -12.08 -9.18
CA MET A 249 7.31 -12.93 -8.63
C MET A 249 7.07 -14.16 -9.50
N ALA A 250 7.02 -13.98 -10.82
CA ALA A 250 6.87 -15.14 -11.69
C ALA A 250 8.00 -16.13 -11.52
N ASP A 251 9.24 -15.63 -11.39
CA ASP A 251 10.38 -16.53 -11.27
C ASP A 251 10.32 -17.36 -10.01
N SER A 252 9.72 -16.82 -8.95
CA SER A 252 9.64 -17.51 -7.67
C SER A 252 8.38 -18.33 -7.50
N GLY A 253 7.51 -18.39 -8.50
CA GLY A 253 6.31 -19.20 -8.42
C GLY A 253 5.10 -18.54 -7.80
N VAL A 254 5.17 -17.24 -7.56
CA VAL A 254 4.07 -16.50 -6.94
C VAL A 254 3.03 -16.17 -8.00
N ASP A 255 1.75 -16.22 -7.62
CA ASP A 255 0.68 -15.76 -8.53
C ASP A 255 1.01 -14.37 -9.06
N THR A 256 0.72 -14.12 -10.34
CA THR A 256 1.11 -12.87 -10.98
C THR A 256 -0.06 -11.99 -11.43
N ALA A 257 -1.32 -12.37 -11.15
CA ALA A 257 -2.45 -11.55 -11.58
C ALA A 257 -2.34 -10.11 -11.08
N LEU A 258 -1.92 -9.92 -9.82
CA LEU A 258 -1.85 -8.57 -9.27
C LEU A 258 -0.71 -7.75 -9.86
N PRO A 259 0.52 -8.27 -9.98
CA PRO A 259 1.56 -7.47 -10.64
C PRO A 259 1.29 -7.25 -12.11
N GLU A 260 0.59 -8.17 -12.79
CA GLU A 260 0.26 -7.95 -14.20
C GLU A 260 -0.62 -6.73 -14.37
N ALA A 261 -1.67 -6.61 -13.54
CA ALA A 261 -2.51 -5.43 -13.55
C ALA A 261 -1.69 -4.17 -13.31
N VAL A 262 -0.73 -4.24 -12.37
CA VAL A 262 0.11 -3.08 -12.08
C VAL A 262 0.94 -2.69 -13.30
N VAL A 263 1.64 -3.67 -13.89
CA VAL A 263 2.38 -3.41 -15.12
C VAL A 263 1.45 -2.86 -16.18
N ALA A 264 0.25 -3.45 -16.33
CA ALA A 264 -0.67 -2.99 -17.35
C ALA A 264 -0.99 -1.50 -17.20
N PHE A 265 -1.05 -1.03 -15.95
CA PHE A 265 -1.45 0.35 -15.70
C PHE A 265 -0.31 1.32 -16.02
N PHE A 266 0.92 0.92 -15.72
CA PHE A 266 2.07 1.79 -16.01
C PHE A 266 2.28 1.91 -17.51
N ARG A 267 2.18 0.77 -18.22
CA ARG A 267 2.31 0.80 -19.67
C ARG A 267 1.26 1.71 -20.29
N ARG A 268 0.08 1.82 -19.67
CA ARG A 268 -0.91 2.77 -20.15
C ARG A 268 -0.41 4.21 -20.01
N GLY A 269 0.27 4.53 -18.90
CA GLY A 269 0.86 5.85 -18.77
C GLY A 269 1.98 6.08 -19.76
N MET A 270 2.77 5.04 -20.05
CA MET A 270 3.75 5.13 -21.13
C MET A 270 3.07 5.42 -22.46
N ALA A 271 1.95 4.74 -22.74
CA ALA A 271 1.22 4.99 -23.98
C ALA A 271 0.68 6.40 -24.03
N ALA A 272 0.34 6.96 -22.86
CA ALA A 272 -0.21 8.31 -22.84
C ALA A 272 0.85 9.37 -23.04
N GLY A 273 2.12 9.00 -23.17
CA GLY A 273 3.18 9.96 -23.34
C GLY A 273 3.90 10.41 -22.07
N TYR A 274 3.75 9.70 -20.95
CA TYR A 274 4.17 10.21 -19.65
C TYR A 274 5.55 9.70 -19.22
N ALA A 275 6.30 9.08 -20.14
CA ALA A 275 7.57 8.44 -19.83
C ALA A 275 8.49 9.33 -18.99
N GLU A 276 8.56 10.61 -19.34
CA GLU A 276 9.48 11.52 -18.68
C GLU A 276 8.86 12.20 -17.47
N ASN A 277 7.54 12.07 -17.32
CA ASN A 277 6.87 12.69 -16.20
C ASN A 277 7.05 11.83 -14.95
N SER A 278 6.55 12.36 -13.85
CA SER A 278 6.43 11.55 -12.65
C SER A 278 5.37 10.47 -12.83
N PHE A 279 5.54 9.37 -12.11
CA PHE A 279 4.46 8.40 -12.09
C PHE A 279 3.20 8.96 -11.47
N SER A 280 3.27 10.11 -10.78
CA SER A 280 2.03 10.80 -10.38
C SER A 280 1.18 11.19 -11.58
N SER A 281 1.77 11.27 -12.77
CA SER A 281 1.04 11.57 -14.01
C SER A 281 -0.13 10.61 -14.23
N MET A 282 -0.08 9.42 -13.64
CA MET A 282 -1.13 8.39 -13.86
C MET A 282 -2.44 8.74 -13.13
N VAL A 283 -2.43 9.67 -12.17
CA VAL A 283 -3.69 10.19 -11.56
C VAL A 283 -4.55 10.82 -12.67
N GLU A 284 -3.91 11.47 -13.64
CA GLU A 284 -4.63 12.10 -14.78
C GLU A 284 -5.31 11.02 -15.61
N LEU A 285 -4.68 9.85 -15.73
CA LEU A 285 -5.32 8.72 -16.44
C LEU A 285 -6.54 8.22 -15.66
N LEU A 286 -6.44 8.23 -14.33
CA LEU A 286 -7.53 7.71 -13.46
C LEU A 286 -8.68 8.71 -13.38
N LYS A 287 -8.42 9.99 -13.64
CA LYS A 287 -9.46 11.03 -13.46
C LYS A 287 -10.61 10.90 -14.46
N LYS A 288 -11.76 11.50 -14.13
CA LYS A 288 -12.93 11.49 -15.04
C LYS A 288 -12.63 12.28 -16.33
N ARG B 3 41.40 6.79 4.79
CA ARG B 3 41.38 7.72 3.64
C ARG B 3 40.40 7.18 2.59
N PRO B 4 39.43 7.99 2.13
CA PRO B 4 38.43 7.55 1.17
C PRO B 4 39.09 6.89 -0.05
N ALA B 5 38.59 5.73 -0.44
CA ALA B 5 39.16 4.98 -1.58
C ALA B 5 38.72 5.58 -2.91
N PRO B 6 39.52 5.39 -3.98
CA PRO B 6 39.09 5.84 -5.30
C PRO B 6 38.15 4.83 -5.97
N LEU B 7 37.34 5.31 -6.90
CA LEU B 7 36.34 4.40 -7.54
C LEU B 7 35.83 4.91 -8.89
N THR B 8 35.28 4.00 -9.66
CA THR B 8 34.68 4.37 -10.96
C THR B 8 33.16 4.36 -10.83
N LEU B 9 32.48 5.34 -11.41
CA LEU B 9 31.00 5.38 -11.42
C LEU B 9 30.50 5.47 -12.87
N ILE B 10 29.84 4.42 -13.33
CA ILE B 10 29.22 4.40 -14.68
C ILE B 10 27.69 4.46 -14.49
N GLY B 11 27.01 5.30 -15.26
CA GLY B 11 25.57 5.51 -15.06
C GLY B 11 25.34 6.83 -14.38
N LEU B 12 25.15 7.90 -15.17
CA LEU B 12 25.03 9.26 -14.60
C LEU B 12 23.61 9.79 -14.70
N GLY B 13 22.63 8.92 -14.44
CA GLY B 13 21.25 9.39 -14.33
C GLY B 13 21.02 9.93 -12.93
N PRO B 14 19.81 10.39 -12.55
CA PRO B 14 19.60 11.03 -11.26
C PRO B 14 20.31 10.33 -10.08
N MET B 15 20.13 9.02 -9.93
CA MET B 15 20.75 8.25 -8.84
C MET B 15 22.27 8.38 -8.95
N GLY B 16 22.83 8.13 -10.14
CA GLY B 16 24.28 8.24 -10.36
C GLY B 16 24.79 9.62 -10.03
N GLN B 17 24.07 10.65 -10.44
CA GLN B 17 24.45 12.05 -10.13
C GLN B 17 24.52 12.21 -8.61
N ALA B 18 23.49 11.74 -7.90
CA ALA B 18 23.47 11.87 -6.43
C ALA B 18 24.64 11.10 -5.82
N MET B 19 24.92 9.90 -6.33
CA MET B 19 26.01 9.06 -5.77
C MET B 19 27.36 9.74 -6.00
N GLY B 20 27.62 10.18 -7.23
CA GLY B 20 28.88 10.89 -7.54
C GLY B 20 29.08 12.09 -6.64
N ASN B 21 28.04 12.88 -6.44
CA ASN B 21 28.12 14.09 -5.59
C ASN B 21 28.43 13.71 -4.14
N ALA B 22 27.85 12.62 -3.63
CA ALA B 22 28.12 12.16 -2.26
C ALA B 22 29.58 11.70 -2.12
N LEU B 23 30.07 10.94 -3.09
CA LEU B 23 31.48 10.47 -3.07
C LEU B 23 32.42 11.67 -3.14
N LEU B 24 32.19 12.58 -4.06
CA LEU B 24 32.99 13.82 -4.17
C LEU B 24 32.93 14.63 -2.85
N ASP B 25 31.77 14.79 -2.24
CA ASP B 25 31.62 15.56 -0.97
C ASP B 25 32.55 14.97 0.09
N ARG B 26 32.80 13.66 0.06
CA ARG B 26 33.65 13.00 1.08
C ARG B 26 35.12 12.88 0.62
N GLY B 27 35.46 13.37 -0.56
CA GLY B 27 36.87 13.37 -1.01
C GLY B 27 37.31 12.10 -1.71
N HIS B 28 36.37 11.26 -2.12
CA HIS B 28 36.71 10.05 -2.91
C HIS B 28 37.25 10.45 -4.29
N GLY B 29 38.32 9.78 -4.75
CA GLY B 29 38.82 9.98 -6.11
C GLY B 29 37.84 9.37 -7.09
N LEU B 30 37.09 10.19 -7.78
CA LEU B 30 36.00 9.66 -8.61
C LEU B 30 36.33 9.65 -10.10
N THR B 31 36.18 8.49 -10.72
CA THR B 31 36.31 8.38 -12.19
C THR B 31 34.89 8.13 -12.72
N VAL B 32 34.43 8.94 -13.66
CA VAL B 32 33.05 8.81 -14.16
C VAL B 32 33.01 8.48 -15.66
N TRP B 33 31.94 7.83 -16.07
CA TRP B 33 31.72 7.53 -17.50
C TRP B 33 30.22 7.36 -17.70
N ASN B 34 29.73 7.75 -18.86
CA ASN B 34 28.29 7.61 -19.17
C ASN B 34 28.12 7.47 -20.68
N ARG B 35 26.99 6.91 -21.12
CA ARG B 35 26.71 6.84 -22.57
C ARG B 35 26.80 8.27 -23.08
N THR B 36 26.09 9.20 -22.45
CA THR B 36 26.12 10.63 -22.81
C THR B 36 27.14 11.31 -21.90
N ALA B 37 28.16 11.92 -22.50
CA ALA B 37 29.25 12.53 -21.71
C ALA B 37 28.79 13.82 -21.01
N SER B 38 27.73 14.46 -21.50
CA SER B 38 27.21 15.71 -20.90
C SER B 38 26.72 15.49 -19.46
N ARG B 39 26.32 14.27 -19.14
CA ARG B 39 25.74 14.01 -17.80
C ARG B 39 26.85 14.02 -16.76
N ALA B 40 28.11 13.90 -17.16
CA ALA B 40 29.26 13.97 -16.23
C ALA B 40 29.72 15.41 -16.05
N ASP B 41 29.19 16.35 -16.82
CA ASP B 41 29.69 17.75 -16.82
C ASP B 41 29.81 18.35 -15.40
N ALA B 42 28.69 18.44 -14.69
CA ALA B 42 28.70 19.00 -13.32
C ALA B 42 29.75 18.29 -12.44
N LEU B 43 29.80 16.97 -12.48
CA LEU B 43 30.74 16.18 -11.65
C LEU B 43 32.21 16.47 -12.04
N VAL B 44 32.52 16.48 -13.34
CA VAL B 44 33.89 16.76 -13.82
C VAL B 44 34.31 18.16 -13.32
N GLU B 45 33.43 19.14 -13.42
CA GLU B 45 33.71 20.52 -12.92
C GLU B 45 34.04 20.48 -11.43
N ARG B 46 33.34 19.63 -10.67
CA ARG B 46 33.55 19.53 -9.21
C ARG B 46 34.87 18.80 -8.94
N GLY B 47 35.38 18.03 -9.90
CA GLY B 47 36.66 17.34 -9.73
C GLY B 47 36.67 15.86 -10.09
N ALA B 48 35.58 15.35 -10.69
CA ALA B 48 35.59 13.95 -11.17
C ALA B 48 36.41 13.84 -12.46
N VAL B 49 37.26 12.81 -12.53
CA VAL B 49 38.03 12.55 -13.78
C VAL B 49 37.11 11.84 -14.78
N ARG B 50 36.90 12.44 -15.93
CA ARG B 50 36.08 11.79 -16.96
C ARG B 50 36.94 10.77 -17.70
N ALA B 51 36.66 9.49 -17.56
CA ALA B 51 37.41 8.49 -18.37
C ALA B 51 37.02 8.65 -19.84
N PRO B 52 37.98 8.55 -20.79
CA PRO B 52 37.68 8.73 -22.20
C PRO B 52 36.78 7.60 -22.77
N ASP B 53 36.77 6.44 -22.13
CA ASP B 53 35.99 5.28 -22.61
C ASP B 53 35.71 4.32 -21.46
N VAL B 54 34.75 3.42 -21.64
CA VAL B 54 34.37 2.45 -20.57
C VAL B 54 35.57 1.56 -20.20
N ALA B 55 36.47 1.28 -21.16
CA ALA B 55 37.61 0.37 -20.88
C ALA B 55 38.54 1.02 -19.86
N ALA B 56 38.79 2.31 -20.00
CA ALA B 56 39.65 3.08 -19.07
C ALA B 56 38.95 3.27 -17.74
N ALA B 57 37.64 3.52 -17.78
CA ALA B 57 36.85 3.68 -16.54
C ALA B 57 37.01 2.41 -15.70
N VAL B 58 36.75 1.25 -16.28
CA VAL B 58 36.91 -0.04 -15.55
C VAL B 58 38.36 -0.22 -15.10
N ALA B 59 39.32 0.28 -15.86
CA ALA B 59 40.74 0.10 -15.56
C ALA B 59 41.21 1.08 -14.48
N ALA B 60 40.48 2.16 -14.27
CA ALA B 60 40.94 3.21 -13.33
C ALA B 60 41.00 2.71 -11.89
N ASN B 61 40.11 1.80 -11.51
CA ASN B 61 40.05 1.36 -10.09
C ASN B 61 39.57 -0.08 -9.94
N GLU B 62 39.77 -0.64 -8.75
CA GLU B 62 39.24 -1.99 -8.44
C GLU B 62 37.72 -1.91 -8.28
N LEU B 63 37.20 -0.81 -7.74
CA LEU B 63 35.75 -0.73 -7.47
C LEU B 63 35.04 -0.03 -8.63
N VAL B 64 34.14 -0.74 -9.31
CA VAL B 64 33.33 -0.15 -10.40
C VAL B 64 31.87 -0.13 -9.94
N VAL B 65 31.32 1.06 -9.77
CA VAL B 65 29.90 1.22 -9.32
C VAL B 65 29.00 1.50 -10.53
N LEU B 66 27.96 0.68 -10.72
CA LEU B 66 27.00 0.88 -11.83
C LEU B 66 25.63 1.33 -11.34
N SER B 67 25.07 2.38 -11.97
CA SER B 67 23.68 2.83 -11.71
C SER B 67 22.99 2.93 -13.06
N LEU B 68 22.48 1.80 -13.56
CA LEU B 68 21.79 1.75 -14.86
C LEU B 68 20.37 1.20 -14.71
N THR B 69 19.62 1.14 -15.80
CA THR B 69 18.20 0.72 -15.77
C THR B 69 18.07 -0.74 -15.33
N ASP B 70 18.89 -1.60 -15.91
CA ASP B 70 18.79 -3.05 -15.63
C ASP B 70 20.16 -3.69 -15.82
N TYR B 71 20.20 -5.02 -15.90
CA TYR B 71 21.47 -5.74 -16.09
C TYR B 71 21.75 -5.84 -17.58
N ASP B 72 20.69 -5.91 -18.40
CA ASP B 72 20.88 -5.88 -19.88
C ASP B 72 21.74 -4.68 -20.24
N ALA B 73 21.49 -3.54 -19.60
CA ALA B 73 22.29 -2.33 -19.80
C ALA B 73 23.77 -2.57 -19.46
N MET B 74 24.07 -3.27 -18.38
CA MET B 74 25.48 -3.58 -18.03
C MET B 74 26.15 -4.29 -19.21
N TYR B 75 25.55 -5.38 -19.69
CA TYR B 75 26.15 -6.17 -20.79
C TYR B 75 26.46 -5.27 -21.99
N ALA B 76 25.53 -4.37 -22.33
CA ALA B 76 25.65 -3.51 -23.52
C ALA B 76 26.78 -2.48 -23.40
N LEU B 77 27.05 -1.96 -22.21
CA LEU B 77 28.06 -0.88 -22.03
C LEU B 77 29.40 -1.45 -21.55
N LEU B 78 29.39 -2.56 -20.82
CA LEU B 78 30.65 -3.19 -20.31
C LEU B 78 31.18 -4.22 -21.30
N GLY B 79 30.53 -4.37 -22.45
CA GLY B 79 31.01 -5.27 -23.52
C GLY B 79 32.38 -4.86 -23.99
N PRO B 80 32.61 -3.62 -24.45
CA PRO B 80 33.97 -3.17 -24.77
C PRO B 80 34.98 -3.31 -23.64
N ALA B 81 34.54 -3.13 -22.39
CA ALA B 81 35.44 -3.18 -21.20
C ALA B 81 35.55 -4.60 -20.66
N ALA B 82 35.09 -5.60 -21.41
CA ALA B 82 35.03 -7.00 -20.93
C ALA B 82 36.39 -7.49 -20.41
N ASP B 83 37.49 -7.08 -21.05
CA ASP B 83 38.81 -7.66 -20.69
C ASP B 83 39.34 -7.02 -19.41
N ALA B 84 39.09 -5.71 -19.22
CA ALA B 84 39.62 -4.99 -18.04
C ALA B 84 38.94 -5.46 -16.76
N LEU B 85 37.83 -6.17 -16.87
CA LEU B 85 37.05 -6.58 -15.66
C LEU B 85 37.84 -7.57 -14.79
N ALA B 86 38.98 -8.05 -15.26
CA ALA B 86 39.75 -9.06 -14.51
C ALA B 86 40.22 -8.50 -13.16
N GLY B 87 39.79 -9.14 -12.07
CA GLY B 87 40.22 -8.73 -10.71
C GLY B 87 39.43 -7.55 -10.15
N LYS B 88 38.39 -7.11 -10.86
CA LYS B 88 37.66 -5.90 -10.44
C LYS B 88 36.42 -6.27 -9.63
N VAL B 89 36.04 -5.39 -8.71
CA VAL B 89 34.79 -5.60 -7.94
C VAL B 89 33.75 -4.68 -8.57
N VAL B 90 32.74 -5.27 -9.20
CA VAL B 90 31.65 -4.49 -9.87
C VAL B 90 30.41 -4.45 -8.97
N VAL B 91 30.15 -3.30 -8.34
CA VAL B 91 28.97 -3.15 -7.46
C VAL B 91 27.81 -2.60 -8.30
N ASN B 92 26.89 -3.50 -8.67
CA ASN B 92 25.74 -3.11 -9.51
C ASN B 92 24.57 -2.73 -8.61
N LEU B 93 24.20 -1.44 -8.65
CA LEU B 93 23.08 -0.92 -7.84
C LEU B 93 21.86 -0.77 -8.76
N SER B 94 21.83 -1.56 -9.82
CA SER B 94 20.72 -1.51 -10.79
C SER B 94 19.59 -2.46 -10.39
N SER B 95 18.35 -1.97 -10.44
CA SER B 95 17.18 -2.84 -10.16
C SER B 95 17.05 -3.92 -11.23
N ASP B 96 16.71 -5.12 -10.79
CA ASP B 96 16.46 -6.24 -11.72
C ASP B 96 15.96 -7.45 -10.92
N THR B 97 15.56 -8.50 -11.64
CA THR B 97 15.11 -9.76 -11.03
C THR B 97 16.29 -10.47 -10.36
N PRO B 98 16.08 -11.23 -9.27
CA PRO B 98 17.15 -12.05 -8.68
C PRO B 98 17.85 -12.97 -9.70
N GLU B 99 17.10 -13.52 -10.63
CA GLU B 99 17.67 -14.46 -11.64
C GLU B 99 18.59 -13.70 -12.61
N LYS B 100 18.16 -12.53 -13.06
CA LYS B 100 18.99 -11.69 -13.96
C LYS B 100 20.21 -11.17 -13.20
N THR B 101 20.04 -10.87 -11.90
CA THR B 101 21.17 -10.40 -11.06
C THR B 101 22.19 -11.55 -10.96
N ARG B 102 21.70 -12.76 -10.75
CA ARG B 102 22.58 -13.94 -10.65
C ARG B 102 23.32 -14.17 -11.97
N ALA B 103 22.61 -14.10 -13.10
CA ALA B 103 23.23 -14.28 -14.43
C ALA B 103 24.31 -13.22 -14.70
N GLY B 104 24.08 -11.98 -14.28
CA GLY B 104 25.11 -10.94 -14.42
C GLY B 104 26.31 -11.25 -13.55
N ALA B 105 26.08 -11.89 -12.42
CA ALA B 105 27.20 -12.31 -11.55
C ALA B 105 28.01 -13.38 -12.28
N ARG B 106 27.33 -14.35 -12.87
CA ARG B 106 28.01 -15.40 -13.66
C ARG B 106 28.81 -14.73 -14.78
N TRP B 107 28.24 -13.71 -15.42
CA TRP B 107 28.92 -13.01 -16.53
C TRP B 107 30.22 -12.39 -16.02
N ILE B 108 30.13 -11.56 -14.98
CA ILE B 108 31.33 -10.84 -14.43
C ILE B 108 32.40 -11.84 -14.00
N ALA B 109 32.00 -12.94 -13.37
CA ALA B 109 32.96 -14.00 -13.00
C ALA B 109 33.63 -14.59 -14.25
N GLU B 110 32.87 -14.80 -15.34
CA GLU B 110 33.46 -15.30 -16.62
C GLU B 110 34.50 -14.31 -17.16
N HIS B 111 34.48 -13.06 -16.73
CA HIS B 111 35.53 -12.09 -17.16
C HIS B 111 36.57 -11.84 -16.05
N GLY B 112 36.67 -12.72 -15.05
CA GLY B 112 37.70 -12.59 -14.01
C GLY B 112 37.35 -11.65 -12.86
N GLY B 113 36.25 -10.92 -12.99
CA GLY B 113 35.82 -9.99 -11.93
C GLY B 113 34.95 -10.62 -10.86
N THR B 114 34.41 -9.79 -9.98
CA THR B 114 33.52 -10.26 -8.90
C THR B 114 32.34 -9.29 -8.80
N LEU B 115 31.11 -9.80 -8.89
CA LEU B 115 29.94 -8.90 -8.87
C LEU B 115 29.28 -8.87 -7.50
N ILE B 116 29.10 -7.68 -6.96
CA ILE B 116 28.32 -7.50 -5.71
C ILE B 116 27.01 -6.86 -6.14
N ALA B 117 25.90 -7.40 -5.65
CA ALA B 117 24.58 -6.88 -6.00
C ALA B 117 24.09 -5.87 -4.96
N GLY B 118 23.58 -4.75 -5.44
CA GLY B 118 23.11 -3.68 -4.56
C GLY B 118 21.67 -3.29 -4.79
N GLY B 119 20.94 -3.08 -3.70
CA GLY B 119 19.54 -2.64 -3.79
C GLY B 119 19.35 -1.39 -2.97
N VAL B 120 19.34 -0.23 -3.61
CA VAL B 120 19.20 1.08 -2.90
C VAL B 120 17.73 1.28 -2.53
N THR B 121 17.42 1.28 -1.23
CA THR B 121 16.04 1.40 -0.70
C THR B 121 15.51 2.84 -0.70
N VAL B 122 16.24 3.79 -1.29
CA VAL B 122 15.84 5.22 -1.21
C VAL B 122 15.88 5.91 -2.57
N PRO B 123 15.06 6.96 -2.79
CA PRO B 123 15.19 7.81 -3.98
C PRO B 123 16.51 8.60 -3.96
N PRO B 124 16.98 9.17 -5.11
CA PRO B 124 18.28 9.85 -5.15
C PRO B 124 18.46 10.89 -4.03
N SER B 125 17.38 11.54 -3.58
CA SER B 125 17.39 12.52 -2.48
C SER B 125 17.92 11.92 -1.16
N GLY B 126 17.86 10.60 -1.00
CA GLY B 126 18.31 9.91 0.22
C GLY B 126 19.76 9.48 0.19
N ILE B 127 20.41 9.56 -0.97
CA ILE B 127 21.85 9.20 -1.06
C ILE B 127 22.66 10.15 -0.16
N GLY B 128 23.51 9.58 0.70
CA GLY B 128 24.34 10.38 1.61
C GLY B 128 23.76 10.44 3.00
N SER B 129 22.47 10.15 3.12
CA SER B 129 21.79 10.21 4.44
C SER B 129 22.10 8.99 5.30
N PRO B 130 22.34 9.18 6.60
CA PRO B 130 22.49 8.06 7.51
C PRO B 130 21.16 7.30 7.65
N GLU B 131 20.03 7.95 7.35
CA GLU B 131 18.69 7.32 7.46
C GLU B 131 18.55 6.28 6.35
N SER B 132 19.28 6.45 5.26
CA SER B 132 19.15 5.58 4.07
C SER B 132 19.92 4.28 4.19
N SER B 133 19.43 3.24 3.52
CA SER B 133 20.14 1.94 3.50
C SER B 133 20.16 1.33 2.10
N ALA B 134 20.96 0.28 1.93
CA ALA B 134 20.96 -0.47 0.67
C ALA B 134 21.31 -1.92 0.99
N PHE B 135 20.55 -2.84 0.43
CA PHE B 135 20.85 -4.27 0.60
C PHE B 135 22.04 -4.63 -0.28
N TYR B 136 22.95 -5.44 0.24
CA TYR B 136 24.11 -5.93 -0.56
C TYR B 136 24.21 -7.45 -0.45
N SER B 137 24.61 -8.07 -1.54
CA SER B 137 24.75 -9.55 -1.60
C SER B 137 25.84 -9.88 -2.60
N GLY B 138 26.47 -11.03 -2.43
CA GLY B 138 27.60 -11.43 -3.28
C GLY B 138 28.77 -11.85 -2.41
N PRO B 139 29.96 -12.10 -2.98
CA PRO B 139 31.09 -12.59 -2.20
C PRO B 139 31.44 -11.71 -0.99
N SER B 140 31.26 -12.23 0.22
CA SER B 140 31.53 -11.50 1.50
C SER B 140 32.87 -10.78 1.51
N ALA B 141 33.93 -11.48 1.13
CA ALA B 141 35.29 -10.88 1.11
C ALA B 141 35.31 -9.62 0.26
N ALA B 142 34.82 -9.71 -0.97
CA ALA B 142 34.83 -8.57 -1.90
C ALA B 142 34.01 -7.40 -1.35
N PHE B 143 32.91 -7.70 -0.67
CA PHE B 143 32.04 -6.63 -0.15
C PHE B 143 32.78 -5.96 1.01
N GLU B 144 33.36 -6.76 1.90
CA GLU B 144 34.04 -6.22 3.11
C GLU B 144 35.23 -5.33 2.69
N ARG B 145 35.84 -5.60 1.54
CA ARG B 145 36.95 -4.80 1.00
C ARG B 145 36.49 -3.39 0.61
N HIS B 146 35.22 -3.23 0.18
CA HIS B 146 34.71 -1.93 -0.28
C HIS B 146 33.47 -1.45 0.51
N ARG B 147 33.21 -2.03 1.67
CA ARG B 147 32.03 -1.65 2.47
C ARG B 147 32.17 -0.20 2.91
N GLU B 148 33.40 0.23 3.21
CA GLU B 148 33.66 1.61 3.67
C GLU B 148 33.27 2.61 2.58
N THR B 149 33.59 2.29 1.33
CA THR B 149 33.28 3.19 0.20
C THR B 149 31.77 3.27 0.06
N LEU B 150 31.10 2.11 0.10
CA LEU B 150 29.62 2.05 -0.05
C LEU B 150 28.92 2.85 1.07
N ARG B 151 29.49 2.89 2.28
CA ARG B 151 28.89 3.64 3.42
C ARG B 151 28.72 5.11 3.04
N THR B 152 29.62 5.66 2.21
CA THR B 152 29.44 7.04 1.71
C THR B 152 28.06 7.21 1.02
N LEU B 153 27.53 6.17 0.38
CA LEU B 153 26.25 6.31 -0.35
C LEU B 153 25.07 6.11 0.59
N THR B 154 25.04 4.99 1.30
CA THR B 154 23.96 4.64 2.24
C THR B 154 24.55 3.72 3.30
N ARG B 155 23.76 3.43 4.34
CA ARG B 155 24.21 2.38 5.27
C ARG B 155 24.19 1.05 4.50
N THR B 156 25.08 0.14 4.87
CA THR B 156 25.13 -1.19 4.22
C THR B 156 24.30 -2.23 5.00
N ASP B 157 23.50 -3.04 4.32
CA ASP B 157 22.82 -4.17 4.97
C ASP B 157 23.21 -5.39 4.14
N TYR B 158 24.35 -6.00 4.48
CA TYR B 158 24.79 -7.19 3.76
C TYR B 158 23.91 -8.37 4.11
N ARG B 159 23.43 -9.08 3.10
CA ARG B 159 22.47 -10.15 3.32
C ARG B 159 23.08 -11.54 3.22
N GLY B 160 24.03 -11.74 2.32
CA GLY B 160 24.63 -13.06 2.16
C GLY B 160 25.37 -13.16 0.83
N GLU B 161 25.80 -14.40 0.55
CA GLU B 161 26.59 -14.65 -0.66
C GLU B 161 25.75 -14.69 -1.93
N ASP B 162 24.51 -15.12 -1.83
CA ASP B 162 23.66 -15.23 -3.01
C ASP B 162 23.47 -13.87 -3.67
N PRO B 163 23.93 -13.68 -4.91
CA PRO B 163 23.80 -12.35 -5.55
C PRO B 163 22.36 -11.90 -5.72
N GLY B 164 21.44 -12.81 -6.04
CA GLY B 164 20.04 -12.44 -6.16
C GLY B 164 19.38 -12.02 -4.86
N LEU B 165 20.01 -12.28 -3.72
CA LEU B 165 19.42 -11.93 -2.42
C LEU B 165 19.12 -10.44 -2.32
N ALA B 166 20.08 -9.59 -2.73
CA ALA B 166 19.87 -8.15 -2.60
C ALA B 166 18.77 -7.67 -3.54
N ALA B 167 18.66 -8.27 -4.73
CA ALA B 167 17.57 -7.93 -5.63
C ALA B 167 16.22 -8.33 -5.03
N LEU B 168 16.15 -9.52 -4.42
CA LEU B 168 14.91 -9.98 -3.80
C LEU B 168 14.39 -8.99 -2.74
N MET B 169 15.25 -8.63 -1.78
CA MET B 169 14.80 -7.74 -0.71
C MET B 169 14.42 -6.37 -1.26
N TYR B 170 15.15 -5.89 -2.26
CA TYR B 170 14.79 -4.63 -2.90
C TYR B 170 13.40 -4.71 -3.52
N GLN B 171 13.15 -5.76 -4.32
CA GLN B 171 11.84 -5.93 -4.94
C GLN B 171 10.74 -6.07 -3.89
N ILE B 172 11.03 -6.77 -2.79
CA ILE B 172 10.03 -6.98 -1.74
C ILE B 172 9.51 -5.65 -1.21
N GLY B 173 10.42 -4.72 -0.90
CA GLY B 173 9.98 -3.38 -0.51
C GLY B 173 9.30 -2.63 -1.65
N MET B 174 9.79 -2.78 -2.88
CA MET B 174 9.19 -2.01 -3.96
C MET B 174 7.74 -2.42 -4.22
N VAL B 175 7.43 -3.73 -4.24
CA VAL B 175 6.04 -4.14 -4.46
C VAL B 175 5.11 -3.56 -3.38
N MET B 176 5.62 -3.30 -2.18
CA MET B 176 4.81 -2.63 -1.17
C MET B 176 4.65 -1.15 -1.46
N PHE B 177 5.69 -0.49 -1.98
CA PHE B 177 5.64 0.98 -2.23
C PHE B 177 4.61 1.28 -3.33
N TRP B 178 4.79 0.67 -4.50
CA TRP B 178 3.93 0.91 -5.68
C TRP B 178 2.46 0.67 -5.36
N ASN B 179 2.14 -0.44 -4.67
CA ASN B 179 0.74 -0.79 -4.34
C ASN B 179 0.13 0.27 -3.42
N ALA B 180 0.83 0.64 -2.36
CA ALA B 180 0.36 1.74 -1.47
C ALA B 180 0.16 3.05 -2.23
N MET B 181 1.08 3.38 -3.14
CA MET B 181 0.99 4.68 -3.86
C MET B 181 -0.10 4.59 -4.93
N LEU B 182 -0.30 3.41 -5.51
CA LEU B 182 -1.42 3.23 -6.46
C LEU B 182 -2.75 3.35 -5.69
N GLY B 183 -2.82 2.84 -4.46
CA GLY B 183 -4.01 3.05 -3.61
C GLY B 183 -4.25 4.53 -3.36
N TYR B 184 -3.19 5.29 -3.14
CA TYR B 184 -3.29 6.76 -2.95
C TYR B 184 -3.74 7.46 -4.24
N TRP B 185 -3.14 7.11 -5.38
CA TRP B 185 -3.53 7.65 -6.71
C TRP B 185 -5.04 7.48 -6.91
N GLN B 186 -5.58 6.30 -6.59
CA GLN B 186 -7.02 6.00 -6.72
C GLN B 186 -7.84 6.90 -5.79
N ALA B 187 -7.36 7.13 -4.58
CA ALA B 187 -8.05 7.97 -3.60
C ALA B 187 -8.04 9.44 -4.05
N VAL B 188 -6.96 9.88 -4.69
CA VAL B 188 -6.84 11.27 -5.20
C VAL B 188 -7.80 11.46 -6.38
N ALA B 189 -7.89 10.45 -7.24
CA ALA B 189 -8.79 10.52 -8.40
C ALA B 189 -10.25 10.51 -7.94
N LEU B 190 -10.60 9.65 -7.00
CA LEU B 190 -11.97 9.60 -6.43
C LEU B 190 -12.27 10.94 -5.76
N ALA B 191 -11.33 11.44 -4.98
CA ALA B 191 -11.49 12.75 -4.32
C ALA B 191 -11.70 13.86 -5.36
N ASP B 192 -10.84 13.89 -6.38
CA ASP B 192 -10.96 14.93 -7.40
C ASP B 192 -12.30 14.85 -8.12
N ALA B 193 -12.74 13.61 -8.41
CA ALA B 193 -14.04 13.38 -9.04
C ALA B 193 -15.20 13.90 -8.20
N ASN B 194 -15.01 14.01 -6.89
CA ASN B 194 -16.07 14.49 -6.02
C ASN B 194 -15.76 15.86 -5.43
N GLY B 195 -14.93 16.65 -6.11
CA GLY B 195 -14.68 18.01 -5.70
C GLY B 195 -13.74 18.19 -4.54
N LEU B 196 -12.91 17.19 -4.24
CA LEU B 196 -11.94 17.28 -3.15
C LEU B 196 -10.52 17.20 -3.70
N LYS B 197 -9.63 18.04 -3.16
CA LYS B 197 -8.25 18.02 -3.59
C LYS B 197 -7.43 17.02 -2.77
N ALA B 198 -6.21 16.75 -3.22
CA ALA B 198 -5.35 15.83 -2.48
C ALA B 198 -5.06 16.34 -1.07
N ALA B 199 -4.98 17.66 -0.87
CA ALA B 199 -4.79 18.17 0.49
C ALA B 199 -6.00 17.88 1.36
N ASP B 200 -7.19 17.80 0.77
CA ASP B 200 -8.40 17.57 1.55
C ASP B 200 -8.40 16.18 2.18
N ILE B 201 -7.92 15.17 1.46
CA ILE B 201 -7.94 13.79 1.97
C ILE B 201 -6.61 13.39 2.59
N LEU B 202 -5.61 14.26 2.53
CA LEU B 202 -4.29 13.92 3.06
C LEU B 202 -4.33 13.52 4.54
N PRO B 203 -5.08 14.18 5.43
CA PRO B 203 -5.13 13.69 6.81
C PRO B 203 -5.58 12.23 6.92
N HIS B 204 -6.70 11.86 6.31
CA HIS B 204 -7.17 10.48 6.38
C HIS B 204 -6.21 9.54 5.63
N ALA B 205 -5.63 10.00 4.53
CA ALA B 205 -4.60 9.24 3.83
C ALA B 205 -3.41 8.93 4.73
N SER B 206 -2.87 9.97 5.39
CA SER B 206 -1.72 9.77 6.28
C SER B 206 -2.09 8.87 7.45
N ASP B 207 -3.28 9.08 8.02
CA ASP B 207 -3.75 8.26 9.13
C ASP B 207 -3.84 6.80 8.72
N THR B 208 -4.34 6.53 7.52
CA THR B 208 -4.44 5.15 7.05
C THR B 208 -3.07 4.50 6.93
N VAL B 209 -2.13 5.17 6.24
CA VAL B 209 -0.80 4.57 6.12
C VAL B 209 -0.08 4.57 7.46
N ALA B 210 -0.51 5.37 8.44
CA ALA B 210 0.10 5.40 9.78
C ALA B 210 -0.26 4.15 10.59
N SER B 211 -1.42 3.57 10.33
CA SER B 211 -1.86 2.31 10.99
C SER B 211 -1.09 1.11 10.44
N LEU B 212 -0.49 1.23 9.27
CA LEU B 212 0.13 0.04 8.61
C LEU B 212 1.15 -0.74 9.47
N PRO B 213 2.18 -0.14 10.12
CA PRO B 213 3.13 -0.94 10.92
C PRO B 213 2.45 -1.94 11.88
N GLY B 214 1.39 -1.52 12.55
CA GLY B 214 0.62 -2.42 13.44
C GLY B 214 -0.03 -3.56 12.68
N PHE B 215 -0.67 -3.25 11.55
CA PHE B 215 -1.30 -4.28 10.70
C PHE B 215 -0.24 -5.27 10.21
N LEU B 216 0.95 -4.77 9.90
CA LEU B 216 2.05 -5.61 9.40
C LEU B 216 2.49 -6.59 10.49
N ARG B 217 2.69 -6.10 11.71
CA ARG B 217 3.16 -6.95 12.84
C ARG B 217 2.07 -7.96 13.19
N PHE B 218 0.83 -7.50 13.30
CA PHE B 218 -0.32 -8.38 13.60
C PHE B 218 -0.39 -9.54 12.58
N TYR B 219 -0.39 -9.21 11.30
CA TYR B 219 -0.55 -10.25 10.24
C TYR B 219 0.75 -11.03 9.99
N ALA B 220 1.90 -10.50 10.37
CA ALA B 220 3.17 -11.24 10.19
C ALA B 220 3.12 -12.48 11.07
N ASP B 221 2.78 -12.32 12.33
CA ASP B 221 2.72 -13.48 13.27
C ASP B 221 1.70 -14.50 12.77
N ARG B 222 0.49 -14.05 12.45
CA ARG B 222 -0.60 -14.95 12.03
C ARG B 222 -0.27 -15.70 10.73
N ILE B 223 0.18 -15.00 9.68
CA ILE B 223 0.59 -15.69 8.42
C ILE B 223 1.65 -16.74 8.71
N ASP B 224 2.66 -16.39 9.51
CA ASP B 224 3.80 -17.31 9.79
C ASP B 224 3.33 -18.54 10.56
N THR B 225 2.36 -18.36 11.45
CA THR B 225 1.80 -19.45 12.27
C THR B 225 0.64 -20.18 11.54
N GLY B 226 0.27 -19.74 10.33
CA GLY B 226 -0.82 -20.36 9.54
C GLY B 226 -2.20 -19.95 9.99
N HIS B 227 -2.29 -18.95 10.86
CA HIS B 227 -3.58 -18.46 11.42
C HIS B 227 -4.29 -17.57 10.41
N HIS B 228 -5.26 -18.15 9.72
CA HIS B 228 -6.09 -17.38 8.76
C HIS B 228 -7.52 -17.36 9.30
N GLY B 229 -7.66 -17.44 10.62
CA GLY B 229 -8.98 -17.39 11.27
C GLY B 229 -9.71 -16.07 11.06
N GLY B 230 -11.02 -16.13 10.93
CA GLY B 230 -11.82 -14.91 10.74
C GLY B 230 -12.29 -14.24 12.02
N ASP B 231 -11.45 -14.17 13.05
CA ASP B 231 -11.94 -13.58 14.30
C ASP B 231 -11.91 -12.06 14.31
N VAL B 232 -11.10 -11.42 13.46
CA VAL B 232 -11.09 -9.97 13.40
C VAL B 232 -11.56 -9.41 12.05
N ASP B 233 -11.53 -10.22 10.99
CA ASP B 233 -11.98 -9.83 9.66
C ASP B 233 -12.39 -11.07 8.86
N ARG B 234 -13.38 -10.90 7.99
CA ARG B 234 -13.89 -11.96 7.12
C ARG B 234 -13.68 -11.58 5.65
N LEU B 235 -13.15 -12.53 4.87
CA LEU B 235 -12.98 -12.32 3.43
C LEU B 235 -14.27 -11.88 2.76
N ALA B 236 -15.41 -12.42 3.21
CA ALA B 236 -16.70 -12.02 2.66
C ALA B 236 -16.94 -10.52 2.86
N MET B 237 -16.67 -10.02 4.07
CA MET B 237 -16.73 -8.58 4.29
C MET B 237 -15.68 -7.85 3.45
N GLY B 238 -14.52 -8.47 3.25
CA GLY B 238 -13.49 -7.87 2.42
C GLY B 238 -13.91 -7.76 0.97
N THR B 239 -14.41 -8.87 0.40
CA THR B 239 -14.86 -8.86 -0.98
C THR B 239 -15.93 -7.80 -1.19
N ALA B 240 -16.85 -7.67 -0.25
CA ALA B 240 -17.84 -6.61 -0.39
C ALA B 240 -17.20 -5.23 -0.43
N SER B 241 -16.16 -5.01 0.37
CA SER B 241 -15.56 -3.68 0.47
C SER B 241 -14.88 -3.29 -0.84
N VAL B 242 -14.12 -4.22 -1.44
CA VAL B 242 -13.44 -3.89 -2.67
C VAL B 242 -14.44 -3.72 -3.80
N GLU B 243 -15.54 -4.47 -3.78
CA GLU B 243 -16.64 -4.26 -4.71
C GLU B 243 -17.26 -2.87 -4.55
N HIS B 244 -17.43 -2.42 -3.31
CA HIS B 244 -17.92 -1.07 -3.09
C HIS B 244 -16.95 -0.04 -3.62
N ILE B 245 -15.65 -0.23 -3.37
CA ILE B 245 -14.64 0.69 -3.92
C ILE B 245 -14.75 0.75 -5.44
N LEU B 246 -14.73 -0.42 -6.08
CA LEU B 246 -14.89 -0.50 -7.53
C LEU B 246 -16.09 0.32 -8.01
N HIS B 247 -17.24 0.11 -7.37
CA HIS B 247 -18.45 0.78 -7.85
C HIS B 247 -18.47 2.26 -7.50
N THR B 248 -17.90 2.63 -6.35
CA THR B 248 -17.74 4.04 -6.02
C THR B 248 -16.91 4.77 -7.08
N MET B 249 -15.80 4.17 -7.54
CA MET B 249 -14.96 4.80 -8.55
C MET B 249 -15.62 4.78 -9.92
N ALA B 250 -16.29 3.70 -10.29
CA ALA B 250 -17.10 3.73 -11.51
C ALA B 250 -18.18 4.80 -11.41
N ASP B 251 -18.88 4.85 -10.26
CA ASP B 251 -19.89 5.87 -10.03
C ASP B 251 -19.33 7.29 -10.14
N SER B 252 -18.02 7.46 -9.92
CA SER B 252 -17.39 8.77 -9.99
C SER B 252 -16.72 9.05 -11.33
N GLY B 253 -16.79 8.11 -12.28
CA GLY B 253 -16.15 8.29 -13.56
C GLY B 253 -14.66 8.01 -13.59
N VAL B 254 -14.10 7.47 -12.51
CA VAL B 254 -12.68 7.19 -12.41
C VAL B 254 -12.35 5.86 -13.07
N ASP B 255 -11.18 5.75 -13.67
CA ASP B 255 -10.78 4.49 -14.30
C ASP B 255 -10.78 3.37 -13.26
N THR B 256 -11.25 2.18 -13.67
CA THR B 256 -11.47 1.08 -12.73
C THR B 256 -10.68 -0.19 -13.06
N ALA B 257 -9.71 -0.15 -13.98
CA ALA B 257 -8.86 -1.32 -14.20
C ALA B 257 -8.21 -1.79 -12.89
N LEU B 258 -7.73 -0.84 -12.06
CA LEU B 258 -7.03 -1.24 -10.84
C LEU B 258 -8.01 -1.86 -9.83
N PRO B 259 -9.16 -1.26 -9.52
CA PRO B 259 -10.08 -1.92 -8.58
C PRO B 259 -10.70 -3.17 -9.16
N GLU B 260 -10.74 -3.31 -10.48
CA GLU B 260 -11.24 -4.54 -11.10
C GLU B 260 -10.34 -5.71 -10.74
N ALA B 261 -9.02 -5.49 -10.80
CA ALA B 261 -8.05 -6.53 -10.45
C ALA B 261 -8.16 -6.94 -9.00
N VAL B 262 -8.28 -5.96 -8.11
CA VAL B 262 -8.44 -6.24 -6.68
C VAL B 262 -9.71 -7.07 -6.45
N VAL B 263 -10.80 -6.70 -7.12
CA VAL B 263 -12.06 -7.40 -6.93
C VAL B 263 -11.95 -8.82 -7.44
N ALA B 264 -11.33 -8.99 -8.63
CA ALA B 264 -11.14 -10.33 -9.17
C ALA B 264 -10.29 -11.20 -8.25
N PHE B 265 -9.35 -10.58 -7.52
CA PHE B 265 -8.50 -11.30 -6.57
C PHE B 265 -9.31 -11.77 -5.36
N PHE B 266 -10.09 -10.87 -4.76
CA PHE B 266 -10.90 -11.29 -3.61
C PHE B 266 -11.90 -12.37 -3.99
N ARG B 267 -12.38 -12.34 -5.24
CA ARG B 267 -13.38 -13.31 -5.68
C ARG B 267 -12.79 -14.69 -5.86
N ARG B 268 -11.47 -14.79 -6.09
CA ARG B 268 -10.83 -16.09 -6.15
C ARG B 268 -10.71 -16.69 -4.76
N GLY B 269 -10.49 -15.85 -3.74
CA GLY B 269 -10.52 -16.33 -2.37
C GLY B 269 -11.90 -16.78 -1.97
N MET B 270 -12.93 -16.06 -2.44
CA MET B 270 -14.31 -16.50 -2.25
C MET B 270 -14.56 -17.82 -2.95
N ALA B 271 -14.01 -18.00 -4.15
CA ALA B 271 -14.19 -19.28 -4.84
C ALA B 271 -13.45 -20.39 -4.10
N ALA B 272 -12.29 -20.07 -3.52
CA ALA B 272 -11.51 -21.07 -2.82
C ALA B 272 -12.15 -21.49 -1.51
N GLY B 273 -13.31 -20.96 -1.18
CA GLY B 273 -13.98 -21.29 0.07
C GLY B 273 -13.56 -20.49 1.27
N TYR B 274 -12.97 -19.31 1.08
CA TYR B 274 -12.31 -18.59 2.15
C TYR B 274 -13.19 -17.53 2.82
N ALA B 275 -14.50 -17.49 2.50
CA ALA B 275 -15.34 -16.39 2.94
C ALA B 275 -15.21 -16.11 4.45
N GLU B 276 -15.16 -17.15 5.28
CA GLU B 276 -15.13 -16.95 6.74
C GLU B 276 -13.72 -16.81 7.28
N ASN B 277 -12.70 -16.99 6.45
CA ASN B 277 -11.33 -16.82 6.87
C ASN B 277 -10.93 -15.35 6.82
N SER B 278 -9.78 -15.01 7.40
CA SER B 278 -9.26 -13.67 7.23
C SER B 278 -8.88 -13.48 5.77
N PHE B 279 -8.89 -12.24 5.31
CA PHE B 279 -8.37 -11.97 3.98
C PHE B 279 -6.89 -12.29 3.88
N SER B 280 -6.21 -12.59 5.00
CA SER B 280 -4.85 -13.11 4.94
C SER B 280 -4.78 -14.46 4.23
N SER B 281 -5.88 -15.20 4.22
CA SER B 281 -5.91 -16.50 3.55
C SER B 281 -5.55 -16.39 2.06
N MET B 282 -5.82 -15.26 1.43
CA MET B 282 -5.47 -15.17 0.01
C MET B 282 -3.97 -15.15 -0.23
N VAL B 283 -3.15 -14.97 0.82
CA VAL B 283 -1.71 -15.18 0.70
C VAL B 283 -1.42 -16.61 0.26
N GLU B 284 -2.20 -17.58 0.76
CA GLU B 284 -2.05 -18.95 0.31
C GLU B 284 -2.35 -19.08 -1.18
N LEU B 285 -3.27 -18.27 -1.71
CA LEU B 285 -3.54 -18.31 -3.14
C LEU B 285 -2.39 -17.73 -3.95
N LEU B 286 -1.61 -16.82 -3.38
CA LEU B 286 -0.50 -16.23 -4.11
C LEU B 286 0.76 -17.08 -4.05
N LYS B 287 0.87 -17.93 -3.04
CA LYS B 287 2.13 -18.63 -2.76
C LYS B 287 2.45 -19.66 -3.84
N LYS B 288 3.73 -20.02 -3.89
CA LYS B 288 4.26 -21.01 -4.80
C LYS B 288 3.73 -22.42 -4.48
#